data_8TTR
#
_entry.id   8TTR
#
_cell.length_a   42.160
_cell.length_b   41.514
_cell.length_c   72.065
_cell.angle_alpha   90.000
_cell.angle_beta   104.131
_cell.angle_gamma   90.000
#
_symmetry.space_group_name_H-M   'P 1 21 1'
#
loop_
_entity.id
_entity.type
_entity.pdbx_description
1 polymer 'Carbonic anhydrase 2'
2 non-polymer 'ZINC ION'
3 non-polymer 4-{5-phenyl-4-[(4-sulfamoylphenyl)carbamamido]-1H-pyrazol-1-yl}benzene-1-sulfonamide
4 non-polymer 'DIMETHYL SULFOXIDE'
5 non-polymer GLYCEROL
6 non-polymer 'SULFATE ION'
7 water water
#
_entity_poly.entity_id   1
_entity_poly.type   'polypeptide(L)'
_entity_poly.pdbx_seq_one_letter_code
;MSHHWGYGKHNGPEHWHKDFPIAKGERQSPVDIDTHTAKYDPSLKPLSVSYDQATSLRILNNGHSFQVTFDDSQDKAVLK
GGPLDGTYRLLQFHFHWGSLDGQGSEHTVDKKKYAAELHLVHWNTKYGDVDKALQQPDGLAVLGIFLKVGSAKPGLQKVV
DVLDSIKTEGKSADFTNFDPRGLLPESLDYWTYPGSLTTPPLAEGVTWIVLKEPISVSSEQVLKFRKLNFNGEGEPEELM
VDNWRPAQPLKNRQIKASFK
;
_entity_poly.pdbx_strand_id   A
#
loop_
_chem_comp.id
_chem_comp.type
_chem_comp.name
_chem_comp.formula
DMS non-polymer 'DIMETHYL SULFOXIDE' 'C2 H6 O S'
GOL non-polymer GLYCEROL 'C3 H8 O3'
LGO non-polymer 4-{5-phenyl-4-[(4-sulfamoylphenyl)carbamamido]-1H-pyrazol-1-yl}benzene-1-sulfonamide 'C22 H20 N6 O5 S2'
SO4 non-polymer 'SULFATE ION' 'O4 S -2'
ZN non-polymer 'ZINC ION' 'Zn 2'
#
# COMPACT_ATOMS: atom_id res chain seq x y z
N SER A 2 3.14 -10.23 -15.23
CA SER A 2 2.25 -9.64 -16.26
C SER A 2 0.84 -10.19 -16.11
N HIS A 3 -0.17 -9.33 -16.37
CA HIS A 3 -1.56 -9.75 -16.35
C HIS A 3 -2.37 -8.96 -17.39
N HIS A 4 -3.62 -9.37 -17.62
CA HIS A 4 -4.46 -8.66 -18.55
C HIS A 4 -4.94 -7.36 -17.90
N TRP A 5 -5.16 -7.38 -16.58
CA TRP A 5 -5.64 -6.19 -15.90
C TRP A 5 -4.53 -5.14 -15.78
N GLY A 6 -4.92 -3.88 -15.70
CA GLY A 6 -4.00 -2.79 -15.45
C GLY A 6 -4.74 -1.54 -15.03
N TYR A 7 -4.23 -0.41 -15.47
CA TYR A 7 -4.70 0.89 -15.02
C TYR A 7 -5.09 1.80 -16.19
N GLY A 8 -5.12 1.25 -17.38
CA GLY A 8 -5.49 2.05 -18.55
C GLY A 8 -7.00 2.09 -18.79
N LYS A 9 -7.40 2.82 -19.84
N LYS A 9 -7.38 2.83 -19.84
CA LYS A 9 -8.79 2.97 -20.22
CA LYS A 9 -8.78 2.99 -20.25
C LYS A 9 -9.44 1.60 -20.49
C LYS A 9 -9.43 1.63 -20.52
N HIS A 10 -8.69 0.71 -21.13
CA HIS A 10 -9.28 -0.52 -21.61
C HIS A 10 -9.09 -1.68 -20.63
N ASN A 11 -8.26 -1.50 -19.57
CA ASN A 11 -8.03 -2.63 -18.68
C ASN A 11 -8.01 -2.22 -17.20
N GLY A 12 -8.46 -0.99 -16.94
CA GLY A 12 -8.33 -0.38 -15.63
C GLY A 12 -9.45 -0.75 -14.67
N PRO A 13 -9.47 -0.06 -13.52
CA PRO A 13 -10.43 -0.40 -12.47
C PRO A 13 -11.89 -0.54 -12.85
N GLU A 14 -12.39 0.19 -13.85
CA GLU A 14 -13.78 0.02 -14.22
C GLU A 14 -14.05 -1.27 -14.98
N HIS A 15 -13.00 -1.97 -15.39
CA HIS A 15 -13.09 -3.26 -16.09
C HIS A 15 -12.91 -4.47 -15.19
N TRP A 16 -12.28 -4.28 -14.00
CA TRP A 16 -11.82 -5.40 -13.21
C TRP A 16 -12.92 -6.34 -12.78
N HIS A 17 -14.15 -5.82 -12.61
CA HIS A 17 -15.24 -6.64 -12.13
C HIS A 17 -15.59 -7.81 -13.08
N LYS A 18 -15.23 -7.73 -14.36
CA LYS A 18 -15.57 -8.82 -15.29
C LYS A 18 -14.78 -10.09 -14.97
N ASP A 19 -13.51 -9.98 -14.62
CA ASP A 19 -12.74 -11.14 -14.24
C ASP A 19 -12.76 -11.37 -12.73
N PHE A 20 -13.04 -10.31 -11.94
CA PHE A 20 -13.01 -10.38 -10.48
C PHE A 20 -14.30 -9.79 -9.91
N PRO A 21 -15.45 -10.51 -9.97
CA PRO A 21 -16.73 -9.94 -9.59
C PRO A 21 -16.79 -9.38 -8.17
N ILE A 22 -15.88 -9.82 -7.28
CA ILE A 22 -15.83 -9.25 -5.94
C ILE A 22 -15.46 -7.76 -5.98
N ALA A 23 -15.02 -7.23 -7.12
CA ALA A 23 -14.80 -5.80 -7.27
C ALA A 23 -16.01 -4.97 -6.86
N LYS A 24 -17.24 -5.54 -6.99
CA LYS A 24 -18.46 -4.85 -6.60
C LYS A 24 -19.01 -5.38 -5.26
N GLY A 25 -18.11 -5.91 -4.43
CA GLY A 25 -18.46 -6.51 -3.15
C GLY A 25 -18.78 -5.53 -2.04
N GLU A 26 -19.00 -6.10 -0.86
CA GLU A 26 -19.46 -5.35 0.30
C GLU A 26 -18.32 -4.73 1.10
N ARG A 27 -17.06 -5.11 0.88
CA ARG A 27 -15.97 -4.60 1.71
C ARG A 27 -14.75 -4.31 0.83
N GLN A 28 -14.96 -3.49 -0.23
CA GLN A 28 -13.85 -3.16 -1.14
C GLN A 28 -13.08 -1.95 -0.64
N SER A 29 -11.83 -1.92 -1.10
CA SER A 29 -10.91 -0.83 -0.80
C SER A 29 -10.34 -0.25 -2.08
N PRO A 30 -9.83 0.99 -2.07
CA PRO A 30 -9.82 1.92 -0.95
C PRO A 30 -11.17 2.60 -0.74
N VAL A 31 -11.25 3.43 0.30
CA VAL A 31 -12.41 4.25 0.58
C VAL A 31 -11.98 5.66 0.88
N ASP A 32 -12.93 6.58 0.78
CA ASP A 32 -12.77 7.90 1.34
C ASP A 32 -12.98 7.85 2.85
N ILE A 33 -12.02 8.42 3.59
CA ILE A 33 -12.11 8.50 5.04
C ILE A 33 -12.70 9.86 5.38
N ASP A 34 -13.96 9.86 5.78
CA ASP A 34 -14.62 11.09 6.20
C ASP A 34 -14.32 11.28 7.68
N THR A 35 -13.47 12.23 8.00
CA THR A 35 -12.87 12.40 9.30
C THR A 35 -13.94 12.79 10.32
N HIS A 36 -15.09 13.30 9.82
CA HIS A 36 -16.20 13.71 10.71
C HIS A 36 -17.27 12.64 10.94
N THR A 37 -17.12 11.48 10.30
N THR A 37 -17.12 11.47 10.34
CA THR A 37 -17.97 10.34 10.54
CA THR A 37 -17.99 10.36 10.68
C THR A 37 -17.20 9.27 11.33
C THR A 37 -17.22 9.12 11.12
N ALA A 38 -15.88 9.22 11.17
CA ALA A 38 -15.08 8.20 11.84
C ALA A 38 -15.27 8.37 13.34
N LYS A 39 -15.31 7.26 14.05
CA LYS A 39 -15.60 7.24 15.47
C LYS A 39 -14.28 6.95 16.21
N TYR A 40 -13.90 7.82 17.16
CA TYR A 40 -12.88 7.46 18.13
C TYR A 40 -13.30 6.21 18.90
N ASP A 41 -12.42 5.22 18.97
CA ASP A 41 -12.71 3.93 19.59
C ASP A 41 -11.75 3.72 20.76
N PRO A 42 -12.17 4.02 22.02
CA PRO A 42 -11.26 3.98 23.16
C PRO A 42 -10.73 2.58 23.44
N SER A 43 -11.43 1.55 22.94
CA SER A 43 -11.05 0.17 23.17
C SER A 43 -9.95 -0.35 22.25
N LEU A 44 -9.55 0.40 21.21
CA LEU A 44 -8.44 -0.07 20.37
C LEU A 44 -7.20 -0.19 21.26
N LYS A 45 -6.52 -1.33 21.22
CA LYS A 45 -5.27 -1.50 21.96
C LYS A 45 -4.18 -0.65 21.30
N PRO A 46 -3.06 -0.34 21.96
CA PRO A 46 -1.98 0.39 21.28
C PRO A 46 -1.42 -0.38 20.06
N LEU A 47 -1.11 0.34 19.02
CA LEU A 47 -0.49 -0.25 17.83
C LEU A 47 1.01 -0.45 18.00
N SER A 48 1.50 -1.64 17.61
CA SER A 48 2.88 -2.04 17.77
C SER A 48 3.45 -2.36 16.41
N VAL A 49 4.37 -1.52 15.94
CA VAL A 49 5.10 -1.75 14.69
C VAL A 49 6.51 -2.16 15.07
N SER A 50 6.84 -3.44 14.93
CA SER A 50 8.09 -4.00 15.43
C SER A 50 8.94 -4.42 14.24
N TYR A 51 9.70 -3.46 13.67
CA TYR A 51 10.48 -3.70 12.46
C TYR A 51 12.00 -3.75 12.68
N ASP A 52 12.47 -3.84 13.93
CA ASP A 52 13.89 -3.78 14.18
C ASP A 52 14.69 -4.93 13.55
N GLN A 53 14.07 -6.09 13.34
CA GLN A 53 14.76 -7.27 12.80
C GLN A 53 14.35 -7.56 11.36
N ALA A 54 13.79 -6.55 10.67
CA ALA A 54 13.34 -6.75 9.30
C ALA A 54 14.51 -7.18 8.43
N THR A 55 14.27 -8.14 7.55
CA THR A 55 15.23 -8.62 6.57
C THR A 55 14.69 -8.45 5.15
N SER A 56 15.08 -7.37 4.47
CA SER A 56 14.65 -7.13 3.10
C SER A 56 15.46 -8.03 2.18
N LEU A 57 14.85 -8.40 1.05
CA LEU A 57 15.48 -9.36 0.12
C LEU A 57 15.70 -8.74 -1.26
N ARG A 58 14.63 -8.34 -1.94
CA ARG A 58 14.69 -7.97 -3.35
C ARG A 58 13.81 -6.74 -3.56
N ILE A 59 14.04 -6.03 -4.65
CA ILE A 59 13.15 -5.00 -5.16
C ILE A 59 12.78 -5.41 -6.57
N LEU A 60 11.50 -5.26 -6.95
CA LEU A 60 10.96 -5.88 -8.15
C LEU A 60 9.95 -4.92 -8.76
N ASN A 61 10.00 -4.79 -10.08
CA ASN A 61 8.91 -4.19 -10.85
C ASN A 61 7.97 -5.30 -11.28
N ASN A 62 6.75 -5.30 -10.75
CA ASN A 62 5.80 -6.39 -11.01
C ASN A 62 4.82 -6.02 -12.12
N GLY A 63 4.99 -4.90 -12.81
CA GLY A 63 4.13 -4.49 -13.91
C GLY A 63 2.96 -3.61 -13.46
N HIS A 64 2.71 -3.57 -12.14
N HIS A 64 2.78 -3.48 -12.15
CA HIS A 64 1.65 -2.73 -11.57
CA HIS A 64 1.70 -2.70 -11.60
C HIS A 64 2.12 -1.80 -10.45
C HIS A 64 2.28 -1.63 -10.68
N SER A 65 3.29 -2.04 -9.90
CA SER A 65 3.94 -1.18 -8.90
C SER A 65 5.38 -1.66 -8.87
N PHE A 66 6.17 -1.18 -7.92
CA PHE A 66 7.39 -1.84 -7.53
C PHE A 66 7.26 -2.22 -6.06
N GLN A 67 7.88 -3.33 -5.68
CA GLN A 67 7.75 -3.83 -4.33
C GLN A 67 9.12 -4.17 -3.78
N VAL A 68 9.27 -4.00 -2.48
CA VAL A 68 10.39 -4.52 -1.71
C VAL A 68 9.87 -5.71 -0.91
N THR A 69 10.53 -6.85 -1.04
N THR A 69 10.49 -6.88 -1.08
CA THR A 69 10.13 -8.08 -0.38
CA THR A 69 10.07 -8.10 -0.39
C THR A 69 10.97 -8.32 0.88
C THR A 69 10.97 -8.38 0.81
N PHE A 70 10.38 -9.01 1.83
CA PHE A 70 11.01 -9.32 3.11
C PHE A 70 10.93 -10.82 3.37
N ASP A 71 11.91 -11.35 4.10
CA ASP A 71 11.88 -12.69 4.63
C ASP A 71 10.81 -12.80 5.72
N ASP A 72 9.77 -13.61 5.46
CA ASP A 72 8.65 -13.76 6.36
C ASP A 72 8.61 -15.20 6.88
N SER A 73 9.76 -15.88 6.92
CA SER A 73 9.86 -17.26 7.42
C SER A 73 9.89 -17.32 8.95
N GLN A 74 10.03 -16.19 9.64
CA GLN A 74 9.96 -16.08 11.11
C GLN A 74 9.40 -14.73 11.52
N ASP A 75 9.15 -14.48 12.81
CA ASP A 75 8.58 -13.22 13.28
C ASP A 75 9.68 -12.14 13.35
N LYS A 76 10.08 -11.59 12.21
CA LYS A 76 11.19 -10.66 12.14
C LYS A 76 10.72 -9.19 12.11
N ALA A 77 9.70 -8.95 11.31
CA ALA A 77 9.10 -7.62 11.22
C ALA A 77 7.60 -7.83 11.30
N VAL A 78 6.99 -7.39 12.40
CA VAL A 78 5.60 -7.72 12.67
C VAL A 78 4.83 -6.47 13.08
N LEU A 79 3.51 -6.57 12.84
CA LEU A 79 2.52 -5.61 13.30
C LEU A 79 1.62 -6.38 14.24
N LYS A 80 1.32 -5.76 15.39
CA LYS A 80 0.42 -6.25 16.42
C LYS A 80 -0.35 -5.09 17.03
N GLY A 81 -1.39 -5.39 17.80
CA GLY A 81 -2.10 -4.38 18.55
C GLY A 81 -3.09 -3.64 17.65
N GLY A 82 -3.52 -2.48 18.13
CA GLY A 82 -4.56 -1.73 17.44
C GLY A 82 -5.80 -2.58 17.31
N PRO A 83 -6.38 -2.71 16.09
CA PRO A 83 -7.54 -3.54 15.88
C PRO A 83 -7.21 -5.02 15.69
N LEU A 84 -5.92 -5.39 15.70
CA LEU A 84 -5.51 -6.72 15.30
C LEU A 84 -5.51 -7.68 16.49
N ASP A 85 -5.92 -8.90 16.21
CA ASP A 85 -5.77 -10.01 17.13
C ASP A 85 -4.61 -10.85 16.61
N GLY A 86 -3.58 -11.02 17.42
CA GLY A 86 -2.47 -11.88 17.05
C GLY A 86 -1.39 -11.10 16.29
N THR A 87 -0.60 -11.82 15.51
CA THR A 87 0.65 -11.30 14.99
C THR A 87 0.59 -11.36 13.46
N TYR A 88 0.94 -10.24 12.82
CA TYR A 88 0.95 -10.16 11.38
C TYR A 88 2.36 -9.85 10.87
N ARG A 89 2.86 -10.69 9.97
CA ARG A 89 4.22 -10.59 9.48
C ARG A 89 4.33 -9.78 8.20
N LEU A 90 5.31 -8.88 8.15
CA LEU A 90 5.58 -8.07 6.96
C LEU A 90 6.14 -8.97 5.85
N LEU A 91 5.50 -8.94 4.68
N LEU A 91 5.54 -8.97 4.65
CA LEU A 91 5.91 -9.65 3.47
CA LEU A 91 6.17 -9.68 3.54
C LEU A 91 6.57 -8.74 2.45
C LEU A 91 6.60 -8.74 2.42
N GLN A 92 5.95 -7.57 2.25
CA GLN A 92 6.39 -6.66 1.21
C GLN A 92 5.82 -5.28 1.45
N PHE A 93 6.47 -4.29 0.82
CA PHE A 93 5.84 -2.97 0.66
C PHE A 93 5.89 -2.54 -0.77
N HIS A 94 4.94 -1.69 -1.12
CA HIS A 94 4.86 -1.10 -2.45
C HIS A 94 4.19 0.26 -2.40
N PHE A 95 4.15 0.92 -3.54
CA PHE A 95 3.52 2.24 -3.60
C PHE A 95 2.48 2.33 -4.72
N HIS A 96 1.65 3.37 -4.59
CA HIS A 96 0.72 3.88 -5.59
C HIS A 96 0.99 5.37 -5.76
N TRP A 97 1.03 5.85 -7.00
CA TRP A 97 1.33 7.26 -7.22
C TRP A 97 0.70 7.77 -8.50
N GLY A 98 0.81 9.11 -8.67
CA GLY A 98 0.10 9.76 -9.75
C GLY A 98 1.01 10.28 -10.85
N SER A 99 0.37 10.88 -11.85
CA SER A 99 1.07 11.65 -12.87
C SER A 99 1.32 13.09 -12.45
N LEU A 100 0.57 13.62 -11.48
CA LEU A 100 0.70 14.95 -10.95
C LEU A 100 0.65 14.87 -9.43
N ASP A 101 1.15 15.86 -8.73
CA ASP A 101 1.31 15.77 -7.27
C ASP A 101 -0.02 15.77 -6.53
N GLY A 102 -1.12 16.16 -7.19
CA GLY A 102 -2.43 16.22 -6.58
C GLY A 102 -3.24 14.91 -6.65
N GLN A 103 -2.64 13.84 -7.19
CA GLN A 103 -3.34 12.56 -7.25
C GLN A 103 -2.30 11.47 -7.13
N GLY A 104 -2.75 10.28 -6.74
CA GLY A 104 -1.85 9.14 -6.61
C GLY A 104 -2.23 8.20 -5.47
N SER A 105 -2.79 8.80 -4.40
CA SER A 105 -3.20 7.95 -3.29
C SER A 105 -4.47 7.18 -3.64
N GLU A 106 -4.63 6.08 -2.94
CA GLU A 106 -5.83 5.23 -3.08
C GLU A 106 -6.88 5.64 -2.05
N HIS A 107 -6.56 5.61 -0.76
CA HIS A 107 -7.39 6.25 0.23
C HIS A 107 -7.39 7.75 -0.03
N THR A 108 -8.49 8.38 0.36
CA THR A 108 -8.61 9.83 0.42
C THR A 108 -9.05 10.25 1.82
N VAL A 109 -8.79 11.52 2.19
CA VAL A 109 -9.16 12.01 3.52
C VAL A 109 -10.02 13.23 3.28
N ASP A 110 -11.32 13.12 3.61
CA ASP A 110 -12.26 14.18 3.28
C ASP A 110 -12.16 14.56 1.81
N LYS A 111 -12.02 13.55 0.94
CA LYS A 111 -11.89 13.60 -0.51
C LYS A 111 -10.53 14.14 -0.99
N LYS A 112 -9.62 14.48 -0.08
CA LYS A 112 -8.28 14.90 -0.45
C LYS A 112 -7.46 13.72 -0.92
N LYS A 113 -6.84 13.87 -2.10
CA LYS A 113 -5.89 12.89 -2.66
C LYS A 113 -4.48 13.35 -2.40
N TYR A 114 -3.61 12.43 -1.99
CA TYR A 114 -2.19 12.68 -1.81
C TYR A 114 -1.41 12.26 -3.06
N ALA A 115 -0.13 12.64 -3.11
CA ALA A 115 0.70 12.35 -4.26
C ALA A 115 0.99 10.88 -4.41
N ALA A 116 0.96 10.15 -3.31
CA ALA A 116 1.27 8.74 -3.35
C ALA A 116 0.80 8.12 -2.03
N GLU A 117 0.85 6.78 -1.99
CA GLU A 117 0.50 6.01 -0.82
C GLU A 117 1.39 4.77 -0.79
N LEU A 118 1.99 4.57 0.39
CA LEU A 118 2.82 3.43 0.75
C LEU A 118 1.95 2.38 1.45
N HIS A 119 2.04 1.12 1.00
CA HIS A 119 1.32 0.00 1.58
C HIS A 119 2.35 -1.00 2.10
N LEU A 120 2.37 -1.25 3.41
CA LEU A 120 3.16 -2.31 4.03
C LEU A 120 2.20 -3.46 4.29
N VAL A 121 2.42 -4.56 3.60
CA VAL A 121 1.52 -5.69 3.54
C VAL A 121 1.97 -6.79 4.49
N HIS A 122 1.07 -7.18 5.41
CA HIS A 122 1.34 -8.20 6.40
C HIS A 122 0.28 -9.29 6.40
N TRP A 123 0.65 -10.50 6.87
CA TRP A 123 -0.31 -11.60 6.92
C TRP A 123 -0.33 -12.22 8.32
N ASN A 124 -1.51 -12.75 8.68
CA ASN A 124 -1.82 -13.25 10.01
C ASN A 124 -1.18 -14.63 10.19
N THR A 125 -0.22 -14.73 11.12
CA THR A 125 0.56 -15.95 11.24
C THR A 125 -0.28 -17.14 11.69
N LYS A 126 -1.51 -16.93 12.16
CA LYS A 126 -2.31 -18.06 12.58
C LYS A 126 -2.72 -18.90 11.37
N TYR A 127 -2.59 -18.38 10.15
CA TYR A 127 -2.92 -19.11 8.95
C TYR A 127 -1.71 -19.72 8.25
N GLY A 128 -0.51 -19.51 8.79
CA GLY A 128 0.65 -20.29 8.42
C GLY A 128 1.40 -19.86 7.15
N ASP A 129 0.66 -19.44 6.11
CA ASP A 129 1.28 -18.87 4.95
C ASP A 129 0.34 -17.83 4.32
N VAL A 130 0.90 -17.02 3.44
CA VAL A 130 0.15 -15.90 2.90
C VAL A 130 -0.98 -16.36 1.98
N ASP A 131 -0.74 -17.49 1.31
N ASP A 131 -0.77 -17.45 1.22
CA ASP A 131 -1.67 -18.04 0.33
CA ASP A 131 -1.81 -17.93 0.33
C ASP A 131 -2.97 -18.46 1.05
C ASP A 131 -3.05 -18.32 1.14
N LYS A 132 -2.84 -19.03 2.26
CA LYS A 132 -3.96 -19.41 3.08
C LYS A 132 -4.58 -18.19 3.74
N ALA A 133 -3.74 -17.25 4.19
CA ALA A 133 -4.25 -16.03 4.81
C ALA A 133 -5.14 -15.24 3.85
N LEU A 134 -4.81 -15.29 2.56
CA LEU A 134 -5.55 -14.54 1.54
C LEU A 134 -6.99 -15.01 1.42
N GLN A 135 -7.30 -16.19 1.92
CA GLN A 135 -8.66 -16.73 1.81
C GLN A 135 -9.48 -16.48 3.08
N GLN A 136 -8.96 -15.69 4.03
CA GLN A 136 -9.63 -15.51 5.31
C GLN A 136 -10.04 -14.07 5.47
N PRO A 137 -11.15 -13.78 6.19
CA PRO A 137 -11.60 -12.42 6.34
C PRO A 137 -10.70 -11.54 7.21
N ASP A 138 -9.85 -12.17 8.04
CA ASP A 138 -8.85 -11.49 8.86
C ASP A 138 -7.45 -11.98 8.53
N GLY A 139 -7.20 -12.28 7.25
CA GLY A 139 -5.94 -12.85 6.86
C GLY A 139 -4.79 -11.84 6.72
N LEU A 140 -5.12 -10.59 6.37
CA LEU A 140 -4.09 -9.62 6.01
C LEU A 140 -4.31 -8.33 6.78
N ALA A 141 -3.22 -7.57 6.95
CA ALA A 141 -3.29 -6.22 7.47
C ALA A 141 -2.34 -5.37 6.65
N VAL A 142 -2.84 -4.24 6.19
CA VAL A 142 -2.05 -3.31 5.38
C VAL A 142 -1.97 -2.02 6.16
N LEU A 143 -0.73 -1.59 6.38
CA LEU A 143 -0.43 -0.31 7.01
C LEU A 143 -0.23 0.66 5.86
N GLY A 144 -1.11 1.67 5.74
CA GLY A 144 -1.08 2.63 4.66
C GLY A 144 -0.59 3.99 5.15
N ILE A 145 0.34 4.57 4.41
CA ILE A 145 0.96 5.83 4.77
C ILE A 145 0.90 6.75 3.55
N PHE A 146 0.33 7.93 3.73
CA PHE A 146 0.28 8.92 2.65
C PHE A 146 1.61 9.63 2.46
N LEU A 147 1.88 9.96 1.19
CA LEU A 147 3.05 10.77 0.83
C LEU A 147 2.57 12.11 0.26
N LYS A 148 3.13 13.20 0.81
CA LYS A 148 2.96 14.52 0.22
C LYS A 148 4.28 15.02 -0.28
N VAL A 149 4.24 15.92 -1.27
CA VAL A 149 5.46 16.51 -1.80
C VAL A 149 5.84 17.72 -0.93
N GLY A 150 7.07 17.70 -0.44
CA GLY A 150 7.69 18.81 0.26
C GLY A 150 9.18 18.49 0.42
N SER A 151 9.61 18.32 1.68
N SER A 151 9.62 18.34 1.66
CA SER A 151 10.99 17.96 2.02
CA SER A 151 11.00 17.97 1.94
C SER A 151 11.27 16.48 1.73
C SER A 151 11.25 16.51 1.58
N ALA A 152 12.52 16.15 1.38
CA ALA A 152 12.89 14.80 1.02
C ALA A 152 12.77 13.88 2.23
N LYS A 153 12.49 12.60 1.99
CA LYS A 153 12.46 11.62 3.04
C LYS A 153 13.75 10.82 2.94
N PRO A 154 14.73 11.01 3.87
CA PRO A 154 16.03 10.37 3.71
C PRO A 154 15.93 8.86 3.65
N GLY A 155 15.00 8.28 4.40
CA GLY A 155 14.83 6.84 4.45
C GLY A 155 14.22 6.25 3.19
N LEU A 156 13.75 7.07 2.26
CA LEU A 156 13.27 6.61 0.95
C LEU A 156 14.36 6.63 -0.08
N GLN A 157 15.44 7.39 0.12
CA GLN A 157 16.39 7.61 -0.95
C GLN A 157 17.04 6.32 -1.45
N LYS A 158 17.31 5.34 -0.62
CA LYS A 158 17.92 4.10 -1.09
C LYS A 158 17.01 3.39 -2.10
N VAL A 159 15.70 3.51 -1.92
CA VAL A 159 14.76 2.95 -2.86
C VAL A 159 14.82 3.69 -4.17
N VAL A 160 14.72 5.02 -4.11
CA VAL A 160 14.74 5.88 -5.29
C VAL A 160 15.97 5.59 -6.14
N ASP A 161 17.09 5.40 -5.48
CA ASP A 161 18.35 5.28 -6.23
C ASP A 161 18.52 3.99 -7.00
N VAL A 162 17.73 2.95 -6.68
N VAL A 162 17.74 2.95 -6.70
CA VAL A 162 17.83 1.66 -7.36
CA VAL A 162 17.89 1.70 -7.44
C VAL A 162 16.79 1.55 -8.47
C VAL A 162 16.78 1.54 -8.49
N LEU A 163 15.83 2.49 -8.58
CA LEU A 163 14.70 2.32 -9.48
C LEU A 163 15.18 2.26 -10.94
N ASP A 164 16.27 2.94 -11.31
CA ASP A 164 16.70 2.81 -12.71
C ASP A 164 17.19 1.40 -13.05
N SER A 165 17.42 0.53 -12.06
CA SER A 165 17.77 -0.86 -12.35
C SER A 165 16.56 -1.79 -12.54
N ILE A 166 15.33 -1.29 -12.27
CA ILE A 166 14.10 -2.08 -12.39
C ILE A 166 13.04 -1.32 -13.20
N LYS A 167 13.44 -0.73 -14.31
CA LYS A 167 12.61 0.16 -15.07
C LYS A 167 11.35 -0.52 -15.63
N THR A 168 11.48 -1.78 -16.06
CA THR A 168 10.43 -2.48 -16.80
C THR A 168 9.97 -3.74 -16.06
N GLU A 169 8.74 -4.17 -16.34
CA GLU A 169 8.13 -5.32 -15.73
C GLU A 169 9.05 -6.54 -15.78
N GLY A 170 9.18 -7.22 -14.64
CA GLY A 170 9.92 -8.45 -14.44
C GLY A 170 11.36 -8.22 -13.98
N LYS A 171 11.82 -6.96 -14.03
CA LYS A 171 13.15 -6.68 -13.52
C LYS A 171 13.17 -6.68 -12.00
N SER A 172 14.22 -7.26 -11.44
CA SER A 172 14.45 -7.28 -10.00
C SER A 172 15.92 -7.02 -9.70
N ALA A 173 16.18 -6.68 -8.45
CA ALA A 173 17.53 -6.48 -7.96
C ALA A 173 17.64 -6.80 -6.47
N ASP A 174 18.88 -7.08 -6.03
CA ASP A 174 19.14 -7.28 -4.64
C ASP A 174 18.79 -6.01 -3.89
N PHE A 175 18.12 -6.17 -2.74
CA PHE A 175 17.79 -5.02 -1.91
C PHE A 175 17.82 -5.42 -0.46
N THR A 176 18.99 -5.86 -0.01
CA THR A 176 19.18 -6.28 1.37
C THR A 176 19.54 -5.07 2.25
N ASN A 177 19.31 -5.27 3.55
CA ASN A 177 19.66 -4.35 4.62
C ASN A 177 18.92 -3.01 4.50
N PHE A 178 17.68 -3.04 3.98
CA PHE A 178 16.84 -1.85 3.95
C PHE A 178 16.02 -1.84 5.21
N ASP A 179 15.94 -0.67 5.88
CA ASP A 179 15.24 -0.50 7.13
C ASP A 179 13.92 0.21 6.91
N PRO A 180 12.78 -0.50 6.97
CA PRO A 180 11.51 0.17 6.69
C PRO A 180 11.05 1.12 7.81
N ARG A 181 11.75 1.13 8.94
CA ARG A 181 11.44 2.12 9.99
C ARG A 181 11.65 3.52 9.44
N GLY A 182 12.53 3.68 8.44
CA GLY A 182 12.85 5.00 7.88
C GLY A 182 11.72 5.59 7.04
N LEU A 183 10.63 4.82 6.82
CA LEU A 183 9.50 5.25 6.01
C LEU A 183 8.33 5.76 6.85
N LEU A 184 8.41 5.64 8.19
CA LEU A 184 7.28 5.89 9.07
C LEU A 184 7.25 7.35 9.50
N PRO A 185 6.07 7.96 9.66
CA PRO A 185 5.97 9.29 10.26
C PRO A 185 6.19 9.19 11.77
N GLU A 186 6.18 10.33 12.46
CA GLU A 186 6.36 10.37 13.90
C GLU A 186 5.24 9.68 14.64
N SER A 187 3.99 10.00 14.23
CA SER A 187 2.80 9.55 14.92
C SER A 187 2.27 8.26 14.31
N LEU A 188 1.76 7.39 15.16
CA LEU A 188 1.07 6.18 14.74
C LEU A 188 -0.45 6.34 14.90
N ASP A 189 -0.96 7.55 15.10
CA ASP A 189 -2.40 7.77 15.04
C ASP A 189 -2.96 7.24 13.72
N TYR A 190 -4.12 6.58 13.76
CA TYR A 190 -4.62 5.90 12.57
C TYR A 190 -6.13 5.84 12.56
N TRP A 191 -6.60 5.56 11.34
CA TRP A 191 -7.93 5.09 11.07
C TRP A 191 -7.88 3.60 10.70
N THR A 192 -8.95 2.85 10.99
CA THR A 192 -9.00 1.44 10.62
C THR A 192 -10.40 1.06 10.18
N TYR A 193 -10.45 0.14 9.22
CA TYR A 193 -11.72 -0.36 8.69
C TYR A 193 -11.44 -1.70 8.00
N PRO A 194 -12.46 -2.60 7.86
CA PRO A 194 -12.33 -3.85 7.13
C PRO A 194 -12.51 -3.64 5.63
N GLY A 195 -11.54 -4.10 4.85
CA GLY A 195 -11.60 -3.90 3.41
C GLY A 195 -10.94 -5.03 2.64
N SER A 196 -10.28 -4.67 1.54
CA SER A 196 -9.84 -5.63 0.55
C SER A 196 -8.46 -5.28 0.05
N LEU A 197 -7.89 -6.17 -0.77
CA LEU A 197 -6.77 -5.77 -1.63
C LEU A 197 -7.31 -4.73 -2.59
N THR A 198 -6.44 -3.81 -3.04
CA THR A 198 -6.85 -2.77 -3.99
C THR A 198 -6.45 -3.13 -5.43
N THR A 199 -5.85 -4.30 -5.59
CA THR A 199 -5.56 -4.86 -6.91
C THR A 199 -6.19 -6.23 -6.99
N PRO A 200 -6.53 -6.71 -8.22
CA PRO A 200 -6.90 -8.11 -8.36
C PRO A 200 -5.98 -9.00 -7.56
N PRO A 201 -6.46 -10.03 -6.86
CA PRO A 201 -7.85 -10.52 -6.90
C PRO A 201 -8.87 -9.81 -6.01
N LEU A 202 -8.50 -8.68 -5.41
CA LEU A 202 -9.43 -7.81 -4.69
C LEU A 202 -10.03 -8.57 -3.49
N ALA A 203 -9.21 -9.46 -2.91
CA ALA A 203 -9.69 -10.35 -1.84
C ALA A 203 -10.12 -9.54 -0.62
N GLU A 204 -11.27 -9.89 -0.04
CA GLU A 204 -11.88 -9.20 1.08
C GLU A 204 -11.41 -9.74 2.40
N GLY A 205 -10.09 -9.60 2.63
CA GLY A 205 -9.49 -10.16 3.83
C GLY A 205 -8.47 -9.25 4.50
N VAL A 206 -8.62 -7.94 4.28
CA VAL A 206 -7.64 -6.97 4.76
C VAL A 206 -8.23 -6.13 5.88
N THR A 207 -7.53 -6.05 7.01
CA THR A 207 -7.71 -5.01 8.00
C THR A 207 -6.82 -3.86 7.57
N TRP A 208 -7.43 -2.74 7.26
CA TRP A 208 -6.70 -1.54 6.85
C TRP A 208 -6.40 -0.70 8.09
N ILE A 209 -5.16 -0.23 8.15
CA ILE A 209 -4.69 0.67 9.18
C ILE A 209 -4.03 1.83 8.44
N VAL A 210 -4.64 3.01 8.40
CA VAL A 210 -4.18 4.11 7.58
C VAL A 210 -3.73 5.25 8.51
N LEU A 211 -2.45 5.60 8.44
CA LEU A 211 -1.93 6.58 9.40
C LEU A 211 -2.43 7.97 9.04
N LYS A 212 -2.74 8.76 10.07
N LYS A 212 -2.74 8.74 10.08
CA LYS A 212 -3.21 10.12 9.82
CA LYS A 212 -3.21 10.11 9.92
C LYS A 212 -2.10 11.03 9.32
C LYS A 212 -2.12 11.03 9.36
N GLU A 213 -0.90 10.87 9.87
CA GLU A 213 0.22 11.74 9.50
C GLU A 213 0.88 11.31 8.19
N PRO A 214 0.95 12.13 7.15
CA PRO A 214 1.65 11.78 5.92
C PRO A 214 3.13 11.92 6.17
N ILE A 215 3.92 11.23 5.34
CA ILE A 215 5.34 11.54 5.25
C ILE A 215 5.51 12.51 4.10
N SER A 216 6.54 13.35 4.21
N SER A 216 6.54 13.36 4.18
CA SER A 216 6.93 14.22 3.09
CA SER A 216 6.89 14.20 3.05
C SER A 216 8.04 13.57 2.28
C SER A 216 8.04 13.58 2.28
N VAL A 217 7.93 13.65 0.95
CA VAL A 217 8.97 13.24 0.03
C VAL A 217 9.27 14.41 -0.89
N SER A 218 10.44 14.42 -1.53
CA SER A 218 10.71 15.55 -2.41
C SER A 218 10.14 15.35 -3.79
N SER A 219 10.00 16.46 -4.55
N SER A 219 10.01 16.46 -4.52
CA SER A 219 9.58 16.37 -5.93
CA SER A 219 9.61 16.43 -5.91
C SER A 219 10.53 15.48 -6.71
C SER A 219 10.53 15.49 -6.70
N GLU A 220 11.84 15.54 -6.42
CA GLU A 220 12.79 14.72 -7.15
C GLU A 220 12.57 13.24 -6.86
N GLN A 221 12.19 12.89 -5.63
CA GLN A 221 11.95 11.50 -5.27
C GLN A 221 10.74 10.95 -6.07
N VAL A 222 9.62 11.65 -6.05
N VAL A 222 9.63 11.68 -6.06
CA VAL A 222 8.44 11.14 -6.74
CA VAL A 222 8.41 11.26 -6.75
C VAL A 222 8.64 11.18 -8.26
C VAL A 222 8.63 11.20 -8.27
N LEU A 223 9.41 12.15 -8.79
CA LEU A 223 9.70 12.17 -10.22
C LEU A 223 10.36 10.87 -10.64
N LYS A 224 11.20 10.32 -9.76
CA LYS A 224 11.87 9.07 -10.07
C LYS A 224 10.89 7.88 -10.09
N PHE A 225 9.83 7.88 -9.27
CA PHE A 225 8.81 6.87 -9.42
C PHE A 225 8.13 6.89 -10.81
N ARG A 226 7.94 8.11 -11.31
CA ARG A 226 7.20 8.30 -12.55
C ARG A 226 8.02 7.97 -13.80
N LYS A 227 9.31 7.62 -13.65
CA LYS A 227 10.11 7.18 -14.78
C LYS A 227 10.01 5.67 -14.97
N LEU A 228 9.41 4.90 -14.01
CA LEU A 228 9.21 3.48 -14.20
C LEU A 228 8.25 3.22 -15.36
N ASN A 229 8.22 1.98 -15.81
CA ASN A 229 7.36 1.56 -16.91
C ASN A 229 6.48 0.39 -16.50
N PHE A 230 5.21 0.42 -16.98
CA PHE A 230 4.31 -0.69 -16.82
C PHE A 230 4.71 -1.89 -17.69
N ASN A 231 5.27 -1.56 -18.85
CA ASN A 231 5.58 -2.52 -19.88
C ASN A 231 6.89 -3.23 -19.59
N GLY A 232 7.03 -4.43 -20.17
CA GLY A 232 8.30 -5.14 -20.24
C GLY A 232 9.24 -4.56 -21.30
N GLU A 233 10.55 -4.82 -21.10
CA GLU A 233 11.64 -4.36 -21.97
C GLU A 233 11.32 -4.65 -23.44
N GLY A 234 11.39 -3.61 -24.28
CA GLY A 234 11.10 -3.70 -25.70
C GLY A 234 9.61 -3.92 -26.03
N GLU A 235 8.70 -3.27 -25.27
CA GLU A 235 7.32 -3.07 -25.71
C GLU A 235 7.11 -1.56 -25.75
N PRO A 236 6.01 -0.99 -26.30
CA PRO A 236 5.92 0.48 -26.36
C PRO A 236 6.01 1.05 -24.95
N GLU A 237 6.71 2.19 -24.78
CA GLU A 237 6.93 2.77 -23.46
C GLU A 237 5.64 3.41 -22.95
N GLU A 238 5.17 2.94 -21.77
CA GLU A 238 3.98 3.46 -21.12
C GLU A 238 4.30 3.70 -19.63
N LEU A 239 4.42 4.98 -19.25
CA LEU A 239 4.94 5.28 -17.94
C LEU A 239 4.03 4.65 -16.86
N MET A 240 4.69 4.11 -15.82
CA MET A 240 4.02 3.63 -14.60
C MET A 240 3.67 4.86 -13.75
N VAL A 241 2.48 5.41 -14.01
CA VAL A 241 1.89 6.54 -13.32
C VAL A 241 0.39 6.25 -13.21
N ASP A 242 -0.23 6.79 -12.16
CA ASP A 242 -1.67 6.63 -11.93
C ASP A 242 -2.02 5.16 -11.75
N ASN A 243 -1.22 4.47 -10.94
CA ASN A 243 -1.48 3.07 -10.60
C ASN A 243 -2.28 2.96 -9.30
N TRP A 244 -3.38 3.72 -9.22
CA TRP A 244 -4.24 3.76 -8.06
C TRP A 244 -5.64 3.40 -8.47
N ARG A 245 -6.33 2.67 -7.56
CA ARG A 245 -7.76 2.44 -7.67
C ARG A 245 -8.48 3.56 -6.95
N PRO A 246 -9.55 4.12 -7.53
N PRO A 246 -9.56 4.13 -7.50
CA PRO A 246 -10.40 5.09 -6.84
CA PRO A 246 -10.27 5.19 -6.80
C PRO A 246 -11.13 4.55 -5.63
C PRO A 246 -11.11 4.60 -5.66
N ALA A 247 -11.61 5.49 -4.80
CA ALA A 247 -12.43 5.13 -3.65
C ALA A 247 -13.70 4.38 -4.08
N GLN A 248 -14.01 3.38 -3.26
CA GLN A 248 -15.13 2.47 -3.45
C GLN A 248 -16.23 2.75 -2.44
N PRO A 249 -17.46 2.23 -2.67
CA PRO A 249 -18.55 2.45 -1.72
C PRO A 249 -18.27 1.91 -0.33
N LEU A 250 -18.52 2.72 0.69
CA LEU A 250 -18.29 2.29 2.05
C LEU A 250 -19.27 1.18 2.47
N LYS A 251 -20.51 1.25 1.97
N LYS A 251 -20.51 1.24 1.96
CA LYS A 251 -21.54 0.26 2.28
CA LYS A 251 -21.51 0.22 2.27
C LYS A 251 -21.74 0.19 3.80
C LYS A 251 -21.74 0.19 3.78
N ASN A 252 -21.85 -1.01 4.35
CA ASN A 252 -22.20 -1.11 5.76
C ASN A 252 -20.93 -1.25 6.61
N ARG A 253 -20.07 -0.20 6.52
CA ARG A 253 -18.87 -0.20 7.33
C ARG A 253 -18.70 1.10 8.09
N GLN A 254 -18.04 0.96 9.23
CA GLN A 254 -17.64 2.05 10.11
C GLN A 254 -16.12 2.14 10.17
N ILE A 255 -15.64 3.35 9.95
CA ILE A 255 -14.23 3.66 10.09
C ILE A 255 -14.03 4.12 11.53
N LYS A 256 -13.05 3.50 12.18
CA LYS A 256 -12.73 3.86 13.56
C LYS A 256 -11.42 4.63 13.59
N ALA A 257 -11.30 5.57 14.52
CA ALA A 257 -10.09 6.31 14.76
C ALA A 257 -9.44 5.90 16.07
N SER A 258 -8.12 5.93 16.12
CA SER A 258 -7.34 5.61 17.32
C SER A 258 -7.19 6.83 18.23
N PHE A 259 -7.63 7.99 17.75
CA PHE A 259 -7.32 9.27 18.35
C PHE A 259 -8.57 10.15 18.31
N LYS A 260 -8.55 11.16 19.19
CA LYS A 260 -9.66 12.10 19.29
C LYS A 260 -9.40 13.24 18.30
ZN ZN B . -1.33 -1.21 -2.49
C16 LGO C . 0.97 -10.18 -1.32
C15 LGO C . 0.25 -10.83 -0.33
C23 LGO C . 6.99 -14.05 -1.84
C14 LGO C . -1.13 -11.09 -0.47
C13 LGO C . -1.77 -10.69 -1.65
C12 LGO C . -1.06 -10.00 -2.61
C10 LGO C . 0.91 -9.03 -3.55
C11 LGO C . 0.28 -9.76 -2.43
O35 LGO C . -4.19 -3.92 -1.31
S02 LGO C . -2.84 -3.57 -1.43
O34 LGO C . -2.13 -3.27 -0.24
N01 LGO C . -2.83 -2.24 -2.35
C03 LGO C . -2.01 -4.81 -2.20
C06 LGO C . -2.00 -5.07 -3.57
C07 LGO C . -1.17 -6.06 -4.15
C08 LGO C . -0.33 -6.89 -3.42
C05 LGO C . -0.37 -6.63 -2.07
C04 LGO C . -1.15 -5.66 -1.50
N09 LGO C . 0.52 -7.82 -4.01
N33 LGO C . 1.29 -7.42 -5.14
C32 LGO C . 2.13 -8.50 -5.39
C17 LGO C . 1.88 -9.53 -4.50
N18 LGO C . 2.65 -10.68 -4.22
C19 LGO C . 3.71 -10.68 -3.36
O31 LGO C . 4.11 -9.73 -2.67
N20 LGO C . 4.33 -11.92 -3.24
C21 LGO C . 5.41 -12.27 -2.45
C30 LGO C . 6.06 -11.45 -1.55
C29 LGO C . 7.16 -11.90 -0.80
C24 LGO C . 7.64 -13.22 -0.92
S25 LGO C . 8.92 -13.74 -0.03
O26 LGO C . 9.08 -15.16 -0.28
O28 LGO C . 10.08 -13.01 -0.55
N27 LGO C . 8.79 -13.58 1.53
C22 LGO C . 5.90 -13.58 -2.58
S DMS D . -6.17 5.93 -12.00
O DMS D . -7.53 5.91 -11.25
C1 DMS D . -6.33 7.09 -13.32
C2 DMS D . -6.24 4.44 -12.96
C1 GOL E . 1.21 8.97 18.57
O1 GOL E . 1.68 7.72 18.08
C2 GOL E . 2.27 9.98 19.01
O2 GOL E . 3.60 9.69 18.65
C3 GOL E . 2.03 11.38 18.50
O3 GOL E . 0.73 11.49 17.94
S SO4 F . -5.19 -11.99 -15.74
O1 SO4 F . -4.19 -12.21 -16.78
O2 SO4 F . -4.65 -12.36 -14.45
O3 SO4 F . -5.58 -10.61 -15.73
O4 SO4 F . -6.33 -12.82 -16.00
#